data_7OLS
#
_entry.id   7OLS
#
_cell.length_a   92.710
_cell.length_b   94.172
_cell.length_c   71.627
_cell.angle_alpha   90.000
_cell.angle_beta   90.000
_cell.angle_gamma   90.000
#
_symmetry.space_group_name_H-M   'C 2 2 21'
#
loop_
_entity.id
_entity.type
_entity.pdbx_description
1 polymer 'Tyrosine-protein kinase Mer'
2 non-polymer 5-[4-(1,5-dimethylpyrazol-4-yl)-2-methyl-phenyl]-~{N}-(imidazo[1,2-a]pyridin-6-ylmethyl)-~{N}-methyl-1,3,4-oxadiazol-2-amine
3 non-polymer 'CHLORIDE ION'
4 non-polymer 'DIMETHYL SULFOXIDE'
5 water water
#
_entity_poly.entity_id   1
_entity_poly.type   'polypeptide(L)'
_entity_poly.pdbx_seq_one_letter_code
;GSHMEELQNKLEDVVIDRNLLILGRILGEGEFGSVMEGNLKQEDGTSLKVAVKTMKLDNSSQREIEEFLSEAACMKDFSH
PNVIRLLGVCIEMSSQGIPKPMVILPFMKYGDLHTYLLYSRLETGPRHIPLQTLLRFMVDIALGMEYLSNRNFLHRDLAA
RNCMLRDDMTVCVADFGLSKKIYSGDYYRQGRIAKMPVKWIAIESLADRVYTSKSDVWAFGVTMWEIATRGMTPYPGVQN
HEMYDYLLHGHRLKQPEDCLDELYEIMYSCWRTDPLDRPTFSVLRLQLERLLESLPDV
;
_entity_poly.pdbx_strand_id   A
#
loop_
_chem_comp.id
_chem_comp.type
_chem_comp.name
_chem_comp.formula
CL non-polymer 'CHLORIDE ION' 'Cl -1'
DMS non-polymer 'DIMETHYL SULFOXIDE' 'C2 H6 O S'
VJZ non-polymer 5-[4-(1,5-dimethylpyrazol-4-yl)-2-methyl-phenyl]-~{N}-(imidazo[1,2-a]pyridin-6-ylmethyl)-~{N}-methyl-1,3,4-oxadiazol-2-amine 'C23 H23 N7 O'
#
# COMPACT_ATOMS: atom_id res chain seq x y z
N GLY A 1 9.75 -1.61 -31.74
CA GLY A 1 8.33 -2.10 -31.81
C GLY A 1 7.37 -1.25 -31.00
N SER A 2 6.20 -1.83 -30.69
CA SER A 2 5.16 -1.16 -29.90
C SER A 2 5.41 -1.32 -28.41
N HIS A 3 5.79 -2.54 -27.99
CA HIS A 3 6.17 -2.81 -26.60
C HIS A 3 7.34 -1.93 -26.15
N MET A 4 8.33 -1.76 -27.03
CA MET A 4 9.47 -0.89 -26.78
C MET A 4 9.09 0.59 -26.85
N GLU A 5 8.19 0.93 -27.78
CA GLU A 5 7.68 2.31 -27.91
C GLU A 5 6.88 2.75 -26.68
N GLU A 6 6.04 1.85 -26.17
CA GLU A 6 5.26 2.08 -24.95
C GLU A 6 6.15 2.32 -23.72
N LEU A 7 7.23 1.53 -23.60
CA LEU A 7 8.21 1.70 -22.53
C LEU A 7 8.94 3.04 -22.62
N GLN A 8 9.36 3.41 -23.83
CA GLN A 8 10.08 4.67 -24.06
C GLN A 8 9.22 5.92 -23.78
N ASN A 9 7.93 5.83 -24.08
CA ASN A 9 6.97 6.92 -23.74
C ASN A 9 6.86 7.10 -22.23
N LYS A 10 6.63 5.99 -21.52
CA LYS A 10 6.54 5.99 -20.07
C LYS A 10 7.81 6.56 -19.39
N LEU A 11 8.97 6.19 -19.90
CA LEU A 11 10.27 6.66 -19.36
C LEU A 11 10.48 8.16 -19.54
N GLU A 12 9.95 8.73 -20.62
CA GLU A 12 9.97 10.17 -20.84
C GLU A 12 9.11 10.91 -19.80
N ASP A 13 7.95 10.36 -19.49
CA ASP A 13 7.00 10.97 -18.55
C ASP A 13 7.52 11.04 -17.10
N VAL A 14 8.27 10.03 -16.67
CA VAL A 14 8.53 9.81 -15.26
C VAL A 14 9.59 10.72 -14.61
N VAL A 15 10.61 11.12 -15.37
CA VAL A 15 11.74 11.88 -14.80
C VAL A 15 11.38 13.36 -14.62
N ILE A 16 11.71 13.89 -13.45
CA ILE A 16 11.52 15.31 -13.10
C ILE A 16 12.90 16.00 -13.06
N ASP A 17 12.96 17.24 -13.55
CA ASP A 17 14.17 18.06 -13.44
C ASP A 17 14.44 18.41 -11.98
N ARG A 18 15.69 18.24 -11.54
CA ARG A 18 16.10 18.48 -10.14
C ARG A 18 15.88 19.93 -9.67
N ASN A 19 16.05 20.90 -10.59
CA ASN A 19 15.80 22.32 -10.28
C ASN A 19 14.32 22.69 -10.08
N LEU A 20 13.40 21.85 -10.56
CA LEU A 20 11.96 22.01 -10.28
C LEU A 20 11.54 21.51 -8.90
N LEU A 21 12.46 20.87 -8.18
CA LEU A 21 12.21 20.32 -6.84
C LEU A 21 13.07 21.03 -5.79
N ILE A 22 12.42 21.44 -4.69
CA ILE A 22 13.08 22.03 -3.54
C ILE A 22 12.80 21.12 -2.34
N LEU A 23 13.85 20.64 -1.68
CA LEU A 23 13.70 19.74 -0.52
C LEU A 23 13.48 20.52 0.77
N GLY A 24 12.76 19.90 1.69
CA GLY A 24 12.40 20.51 2.98
C GLY A 24 12.97 19.71 4.14
N ARG A 25 12.20 19.61 5.21
CA ARG A 25 12.64 18.91 6.42
C ARG A 25 12.46 17.40 6.30
N ILE A 26 13.19 16.66 7.15
CA ILE A 26 13.07 15.20 7.24
C ILE A 26 11.80 14.87 8.02
N LEU A 27 10.95 14.03 7.44
CA LEU A 27 9.72 13.55 8.11
C LEU A 27 9.94 12.21 8.79
N GLY A 28 10.57 11.28 8.07
CA GLY A 28 10.97 9.98 8.60
C GLY A 28 12.31 9.56 8.04
N GLU A 29 13.00 8.67 8.74
CA GLU A 29 14.34 8.24 8.36
C GLU A 29 14.70 6.89 8.96
N GLY A 30 14.60 5.83 8.15
CA GLY A 30 14.93 4.47 8.54
C GLY A 30 16.20 3.96 7.86
N GLU A 31 16.30 2.64 7.74
CA GLU A 31 17.47 2.00 7.12
C GLU A 31 17.43 2.09 5.60
N PHE A 32 16.29 1.70 5.02
CA PHE A 32 16.13 1.65 3.56
C PHE A 32 16.08 3.03 2.87
N GLY A 33 15.69 4.08 3.60
CA GLY A 33 15.61 5.42 3.00
C GLY A 33 15.19 6.52 3.96
N SER A 34 14.74 7.64 3.39
CA SER A 34 14.24 8.79 4.14
C SER A 34 13.06 9.45 3.42
N VAL A 35 12.04 9.85 4.18
CA VAL A 35 10.91 10.61 3.65
C VAL A 35 11.11 12.08 4.04
N MET A 36 10.86 12.98 3.09
CA MET A 36 11.08 14.41 3.27
C MET A 36 9.99 15.27 2.67
N GLU A 37 9.82 16.46 3.22
CA GLU A 37 8.99 17.49 2.63
C GLU A 37 9.63 17.98 1.36
N GLY A 38 8.82 18.47 0.43
CA GLY A 38 9.34 19.16 -0.74
C GLY A 38 8.34 20.09 -1.36
N ASN A 39 8.84 20.93 -2.27
CA ASN A 39 8.01 21.71 -3.19
C ASN A 39 8.34 21.31 -4.62
N LEU A 40 7.30 21.06 -5.42
CA LEU A 40 7.43 20.76 -6.85
C LEU A 40 6.86 21.91 -7.67
N LYS A 41 7.70 22.56 -8.48
CA LYS A 41 7.21 23.62 -9.36
C LYS A 41 6.51 22.99 -10.57
N GLN A 42 5.26 23.35 -10.78
CA GLN A 42 4.43 22.78 -11.84
C GLN A 42 4.45 23.62 -13.13
N GLU A 43 3.84 23.08 -14.18
CA GLU A 43 3.77 23.74 -15.49
C GLU A 43 3.01 25.08 -15.48
N ASP A 44 2.05 25.20 -14.57
CA ASP A 44 1.24 26.42 -14.44
C ASP A 44 1.86 27.56 -13.61
N GLY A 45 3.15 27.47 -13.27
CA GLY A 45 3.83 28.50 -12.48
C GLY A 45 3.85 28.26 -10.98
N THR A 46 2.76 27.72 -10.44
CA THR A 46 2.61 27.54 -8.99
C THR A 46 3.32 26.29 -8.47
N SER A 47 3.65 26.31 -7.19
CA SER A 47 4.31 25.18 -6.51
C SER A 47 3.31 24.28 -5.79
N LEU A 48 3.66 23.00 -5.68
CA LEU A 48 2.85 21.98 -4.99
C LEU A 48 3.69 21.36 -3.88
N LYS A 49 3.11 21.20 -2.70
CA LYS A 49 3.77 20.49 -1.61
C LYS A 49 3.76 18.99 -1.90
N VAL A 50 4.93 18.37 -1.81
CA VAL A 50 5.09 16.93 -2.12
C VAL A 50 5.84 16.21 -0.99
N ALA A 51 5.70 14.89 -0.97
CA ALA A 51 6.54 14.01 -0.17
C ALA A 51 7.61 13.44 -1.09
N VAL A 52 8.86 13.41 -0.60
CA VAL A 52 9.99 12.89 -1.36
C VAL A 52 10.60 11.70 -0.63
N LYS A 53 10.54 10.52 -1.24
CA LYS A 53 11.17 9.30 -0.68
C LYS A 53 12.50 9.05 -1.38
N THR A 54 13.59 9.14 -0.62
CA THR A 54 14.94 8.91 -1.12
C THR A 54 15.39 7.50 -0.76
N MET A 55 15.89 6.74 -1.74
CA MET A 55 16.20 5.32 -1.57
C MET A 55 17.60 5.10 -1.01
N SER A 60 24.31 -0.89 -5.82
CA SER A 60 24.04 0.47 -6.31
C SER A 60 24.62 0.72 -7.71
N SER A 61 24.56 -0.30 -8.57
CA SER A 61 25.05 -0.20 -9.96
C SER A 61 24.00 0.45 -10.86
N GLN A 62 24.42 0.85 -12.06
CA GLN A 62 23.52 1.48 -13.04
C GLN A 62 22.47 0.51 -13.61
N ARG A 63 22.73 -0.80 -13.53
CA ARG A 63 21.72 -1.81 -13.88
C ARG A 63 20.49 -1.63 -12.98
N GLU A 64 20.72 -1.51 -11.67
CA GLU A 64 19.66 -1.25 -10.69
C GLU A 64 18.98 0.12 -10.86
N ILE A 65 19.73 1.11 -11.34
CA ILE A 65 19.18 2.45 -11.63
C ILE A 65 18.23 2.43 -12.84
N GLU A 66 18.65 1.74 -13.90
CA GLU A 66 17.79 1.52 -15.08
C GLU A 66 16.56 0.70 -14.70
N GLU A 67 16.75 -0.28 -13.82
CA GLU A 67 15.66 -1.11 -13.29
C GLU A 67 14.68 -0.29 -12.44
N PHE A 68 15.23 0.65 -11.66
CA PHE A 68 14.43 1.59 -10.87
C PHE A 68 13.63 2.54 -11.77
N LEU A 69 14.27 3.09 -12.79
CA LEU A 69 13.59 3.97 -13.76
C LEU A 69 12.51 3.25 -14.57
N SER A 70 12.81 2.01 -14.97
CA SER A 70 11.85 1.17 -15.68
C SER A 70 10.62 0.87 -14.81
N GLU A 71 10.88 0.43 -13.58
CA GLU A 71 9.82 0.16 -12.61
C GLU A 71 9.02 1.43 -12.28
N ALA A 72 9.72 2.54 -12.10
CA ALA A 72 9.08 3.84 -11.83
C ALA A 72 8.17 4.25 -12.98
N ALA A 73 8.63 4.05 -14.21
CA ALA A 73 7.85 4.36 -15.42
C ALA A 73 6.51 3.61 -15.49
N CYS A 74 6.50 2.36 -15.02
CA CYS A 74 5.28 1.56 -14.92
C CYS A 74 4.30 2.10 -13.87
N MET A 75 4.82 2.40 -12.67
CA MET A 75 3.99 2.91 -11.57
C MET A 75 3.40 4.29 -11.86
N LYS A 76 4.20 5.15 -12.49
CA LYS A 76 3.75 6.46 -13.01
C LYS A 76 2.46 6.38 -13.85
N ASP A 77 2.31 5.29 -14.60
CA ASP A 77 1.17 5.08 -15.47
C ASP A 77 -0.14 4.73 -14.74
N PHE A 78 -0.09 4.34 -13.47
CA PHE A 78 -1.31 4.04 -12.70
C PHE A 78 -2.17 5.29 -12.58
N SER A 79 -3.47 5.13 -12.82
CA SER A 79 -4.42 6.23 -12.66
C SER A 79 -5.73 5.68 -12.09
N HIS A 80 -5.84 5.77 -10.77
CA HIS A 80 -7.03 5.33 -10.03
C HIS A 80 -7.04 6.09 -8.70
N PRO A 81 -8.23 6.53 -8.23
CA PRO A 81 -8.27 7.35 -7.01
C PRO A 81 -7.89 6.61 -5.70
N ASN A 82 -7.91 5.28 -5.71
CA ASN A 82 -7.45 4.45 -4.59
C ASN A 82 -6.07 3.79 -4.78
N VAL A 83 -5.28 4.33 -5.72
CA VAL A 83 -3.87 3.98 -5.86
C VAL A 83 -3.07 5.27 -5.83
N ILE A 84 -2.01 5.32 -5.02
CA ILE A 84 -1.19 6.54 -4.92
C ILE A 84 -0.57 6.85 -6.28
N ARG A 85 -0.59 8.13 -6.67
CA ARG A 85 -0.08 8.51 -7.98
C ARG A 85 1.37 8.96 -7.81
N LEU A 86 2.27 8.29 -8.52
CA LEU A 86 3.65 8.69 -8.57
C LEU A 86 3.74 9.93 -9.47
N LEU A 87 4.22 11.03 -8.91
CA LEU A 87 4.37 12.29 -9.65
C LEU A 87 5.63 12.29 -10.52
N GLY A 88 6.69 11.64 -10.06
CA GLY A 88 7.88 11.43 -10.88
C GLY A 88 9.09 11.01 -10.07
N VAL A 89 10.23 10.95 -10.73
CA VAL A 89 11.50 10.56 -10.10
C VAL A 89 12.64 11.54 -10.43
N CYS A 90 13.57 11.68 -9.48
CA CYS A 90 14.82 12.43 -9.66
C CYS A 90 15.97 11.55 -9.21
N ILE A 91 17.10 11.66 -9.89
CA ILE A 91 18.32 10.94 -9.50
C ILE A 91 19.41 11.97 -9.16
N GLU A 92 19.63 12.18 -7.87
CA GLU A 92 20.77 12.96 -7.40
C GLU A 92 21.95 12.02 -7.19
N MET A 93 23.16 12.55 -7.36
CA MET A 93 24.40 11.77 -7.24
C MET A 93 25.17 12.20 -5.98
N SER A 94 25.88 11.25 -5.39
CA SER A 94 26.70 11.52 -4.20
C SER A 94 28.12 11.92 -4.60
N SER A 95 28.87 12.43 -3.61
CA SER A 95 30.29 12.79 -3.81
C SER A 95 31.17 11.57 -4.05
N GLN A 96 30.83 10.44 -3.42
CA GLN A 96 31.53 9.17 -3.63
C GLN A 96 31.29 8.53 -5.01
N GLY A 97 30.21 8.93 -5.68
CA GLY A 97 29.82 8.37 -6.99
C GLY A 97 28.67 7.39 -6.95
N ILE A 98 27.99 7.28 -5.80
CA ILE A 98 26.82 6.43 -5.63
C ILE A 98 25.58 7.24 -6.00
N PRO A 99 24.75 6.78 -6.95
CA PRO A 99 23.51 7.51 -7.24
C PRO A 99 22.43 7.34 -6.17
N LYS A 100 21.76 8.43 -5.83
CA LYS A 100 20.67 8.45 -4.85
C LYS A 100 19.35 8.74 -5.57
N PRO A 101 18.55 7.69 -5.88
CA PRO A 101 17.27 7.93 -6.56
C PRO A 101 16.18 8.44 -5.60
N MET A 102 15.35 9.34 -6.11
CA MET A 102 14.31 10.02 -5.31
C MET A 102 12.95 9.84 -5.98
N VAL A 103 11.92 9.64 -5.14
CA VAL A 103 10.57 9.35 -5.60
C VAL A 103 9.66 10.45 -5.04
N ILE A 104 8.94 11.13 -5.93
CA ILE A 104 8.13 12.29 -5.56
C ILE A 104 6.66 11.91 -5.57
N LEU A 105 5.98 12.21 -4.46
CA LEU A 105 4.62 11.76 -4.19
C LEU A 105 3.77 12.93 -3.71
N PRO A 106 2.43 12.84 -3.88
CA PRO A 106 1.57 13.85 -3.27
C PRO A 106 1.70 13.82 -1.75
N PHE A 107 1.79 14.99 -1.13
CA PHE A 107 1.86 15.08 0.32
C PHE A 107 0.49 14.74 0.92
N MET A 108 0.48 13.87 1.92
CA MET A 108 -0.75 13.40 2.56
C MET A 108 -0.65 13.66 4.06
N LYS A 109 -1.19 14.81 4.49
CA LYS A 109 -1.03 15.27 5.87
C LYS A 109 -1.64 14.35 6.92
N TYR A 110 -2.69 13.60 6.56
CA TYR A 110 -3.30 12.62 7.48
C TYR A 110 -2.50 11.33 7.65
N GLY A 111 -1.49 11.10 6.80
CA GLY A 111 -0.53 10.02 7.01
C GLY A 111 -1.05 8.64 6.64
N ASP A 112 -0.41 7.61 7.20
CA ASP A 112 -0.79 6.22 6.92
C ASP A 112 -1.98 5.79 7.75
N LEU A 113 -2.71 4.79 7.24
CA LEU A 113 -3.94 4.33 7.85
C LEU A 113 -3.74 3.64 9.21
N HIS A 114 -2.64 2.92 9.37
CA HIS A 114 -2.36 2.20 10.62
C HIS A 114 -2.22 3.17 11.79
N THR A 115 -1.44 4.22 11.59
CA THR A 115 -1.22 5.25 12.60
C THR A 115 -2.52 5.98 12.94
N TYR A 116 -3.31 6.30 11.91
CA TYR A 116 -4.62 6.94 12.08
C TYR A 116 -5.57 6.13 12.97
N LEU A 117 -5.63 4.83 12.74
CA LEU A 117 -6.44 3.93 13.56
C LEU A 117 -6.01 3.93 15.03
N LEU A 118 -4.69 3.82 15.25
CA LEU A 118 -4.12 3.86 16.60
C LEU A 118 -4.39 5.20 17.28
N TYR A 119 -4.18 6.31 16.56
CA TYR A 119 -4.50 7.66 17.08
C TYR A 119 -5.98 7.82 17.45
N SER A 120 -6.88 7.15 16.73
CA SER A 120 -8.32 7.23 17.00
C SER A 120 -8.74 6.64 18.36
N ARG A 121 -7.88 5.83 18.96
CA ARG A 121 -8.09 5.35 20.33
C ARG A 121 -7.46 6.22 21.42
N LEU A 122 -6.97 7.41 21.05
CA LEU A 122 -6.37 8.35 21.99
C LEU A 122 -7.14 9.67 21.93
N GLU A 123 -7.25 10.35 23.08
CA GLU A 123 -8.07 11.57 23.23
C GLU A 123 -7.71 12.69 22.24
N THR A 124 -6.42 12.94 22.06
CA THR A 124 -5.95 14.05 21.23
C THR A 124 -6.12 13.79 19.72
N GLY A 125 -5.94 12.53 19.31
CA GLY A 125 -6.10 12.14 17.91
C GLY A 125 -7.55 12.18 17.45
N PRO A 126 -7.80 11.85 16.16
CA PRO A 126 -9.17 11.83 15.61
C PRO A 126 -10.14 10.99 16.44
N ARG A 127 -11.42 11.34 16.38
CA ARG A 127 -12.43 10.68 17.21
C ARG A 127 -12.72 9.24 16.77
N HIS A 128 -13.47 8.54 17.62
CA HIS A 128 -13.87 7.15 17.38
C HIS A 128 -14.40 6.96 15.95
N ILE A 129 -13.86 5.95 15.27
CA ILE A 129 -14.22 5.67 13.88
C ILE A 129 -15.33 4.61 13.91
N PRO A 130 -16.54 4.95 13.41
CA PRO A 130 -17.62 3.97 13.41
C PRO A 130 -17.48 2.88 12.33
N LEU A 131 -18.30 1.84 12.45
CA LEU A 131 -18.25 0.67 11.56
C LEU A 131 -18.40 1.02 10.07
N GLN A 132 -19.27 1.98 9.75
CA GLN A 132 -19.45 2.44 8.37
C GLN A 132 -18.16 2.95 7.74
N THR A 133 -17.41 3.73 8.51
CA THR A 133 -16.16 4.35 8.03
C THR A 133 -15.02 3.33 7.90
N LEU A 134 -14.92 2.40 8.85
CA LEU A 134 -13.94 1.31 8.77
C LEU A 134 -14.16 0.43 7.55
N LEU A 135 -15.43 0.21 7.21
CA LEU A 135 -15.78 -0.61 6.06
C LEU A 135 -15.50 0.16 4.77
N ARG A 136 -15.72 1.47 4.79
CA ARG A 136 -15.37 2.35 3.67
C ARG A 136 -13.86 2.36 3.37
N PHE A 137 -13.02 2.24 4.41
CA PHE A 137 -11.57 2.07 4.21
C PHE A 137 -11.27 0.77 3.47
N MET A 138 -11.94 -0.31 3.88
CA MET A 138 -11.76 -1.63 3.26
C MET A 138 -12.21 -1.67 1.80
N VAL A 139 -13.34 -1.01 1.50
CA VAL A 139 -13.87 -0.88 0.14
C VAL A 139 -12.87 -0.12 -0.74
N ASP A 140 -12.41 1.02 -0.24
CA ASP A 140 -11.39 1.84 -0.92
C ASP A 140 -10.12 1.05 -1.26
N ILE A 141 -9.64 0.25 -0.30
CA ILE A 141 -8.44 -0.57 -0.52
C ILE A 141 -8.70 -1.67 -1.57
N ALA A 142 -9.87 -2.30 -1.47
CA ALA A 142 -10.29 -3.32 -2.42
C ALA A 142 -10.42 -2.79 -3.84
N LEU A 143 -10.93 -1.57 -3.97
CA LEU A 143 -11.02 -0.89 -5.28
C LEU A 143 -9.65 -0.63 -5.88
N GLY A 144 -8.73 -0.11 -5.08
CA GLY A 144 -7.34 0.11 -5.50
C GLY A 144 -6.65 -1.17 -5.93
N MET A 145 -6.84 -2.23 -5.16
CA MET A 145 -6.24 -3.53 -5.46
C MET A 145 -6.88 -4.25 -6.65
N GLU A 146 -8.20 -4.10 -6.80
CA GLU A 146 -8.94 -4.59 -7.96
C GLU A 146 -8.37 -3.99 -9.26
N TYR A 147 -8.09 -2.68 -9.22
CA TYR A 147 -7.43 -1.99 -10.32
C TYR A 147 -6.06 -2.56 -10.65
N LEU A 148 -5.22 -2.71 -9.61
CA LEU A 148 -3.86 -3.25 -9.78
C LEU A 148 -3.85 -4.70 -10.24
N SER A 149 -4.79 -5.49 -9.74
CA SER A 149 -4.93 -6.89 -10.13
C SER A 149 -5.33 -7.02 -11.62
N ASN A 150 -6.23 -6.16 -12.09
CA ASN A 150 -6.59 -6.10 -13.52
C ASN A 150 -5.42 -5.78 -14.45
N ARG A 151 -4.44 -5.03 -13.96
CA ARG A 151 -3.20 -4.74 -14.69
C ARG A 151 -2.09 -5.75 -14.44
N ASN A 152 -2.40 -6.86 -13.75
CA ASN A 152 -1.43 -7.91 -13.39
C ASN A 152 -0.21 -7.36 -12.67
N PHE A 153 -0.45 -6.41 -11.77
CA PHE A 153 0.58 -5.82 -10.93
C PHE A 153 0.37 -6.30 -9.51
N LEU A 154 1.39 -6.96 -8.95
CA LEU A 154 1.36 -7.45 -7.59
C LEU A 154 1.93 -6.36 -6.66
N HIS A 155 1.21 -6.10 -5.56
CA HIS A 155 1.63 -5.09 -4.58
C HIS A 155 2.84 -5.59 -3.79
N ARG A 156 2.73 -6.80 -3.22
CA ARG A 156 3.81 -7.51 -2.49
C ARG A 156 4.00 -7.13 -1.01
N ASP A 157 3.75 -5.88 -0.63
CA ASP A 157 3.76 -5.45 0.78
C ASP A 157 2.45 -4.75 1.21
N LEU A 158 1.31 -5.38 0.95
CA LEU A 158 0.01 -4.79 1.36
C LEU A 158 -0.20 -4.93 2.86
N ALA A 159 -0.45 -3.79 3.50
CA ALA A 159 -0.70 -3.69 4.95
C ALA A 159 -1.23 -2.30 5.26
N ALA A 160 -1.85 -2.13 6.43
CA ALA A 160 -2.45 -0.85 6.82
C ALA A 160 -1.45 0.31 6.88
N ARG A 161 -0.21 0.02 7.25
CA ARG A 161 0.86 1.04 7.25
C ARG A 161 1.26 1.54 5.85
N ASN A 162 1.00 0.75 4.82
CA ASN A 162 1.23 1.14 3.42
C ASN A 162 -0.01 1.62 2.67
N CYS A 163 -1.09 1.90 3.41
CA CYS A 163 -2.27 2.57 2.85
C CYS A 163 -2.28 3.99 3.40
N MET A 164 -2.46 4.96 2.51
CA MET A 164 -2.37 6.36 2.87
C MET A 164 -3.75 7.01 2.79
N LEU A 165 -4.01 7.94 3.71
CA LEU A 165 -5.27 8.69 3.73
C LEU A 165 -5.08 10.03 3.01
N ARG A 166 -5.94 10.29 2.03
CA ARG A 166 -5.95 11.57 1.31
C ARG A 166 -6.75 12.61 2.11
N ASP A 167 -6.72 13.87 1.67
CA ASP A 167 -7.39 14.99 2.39
C ASP A 167 -8.90 14.81 2.52
N ASP A 168 -9.53 14.13 1.57
CA ASP A 168 -10.97 13.81 1.63
C ASP A 168 -11.30 12.51 2.38
N MET A 169 -10.33 11.94 3.11
CA MET A 169 -10.46 10.66 3.82
C MET A 169 -10.71 9.44 2.92
N THR A 170 -10.28 9.54 1.65
CA THR A 170 -10.21 8.40 0.74
C THR A 170 -8.90 7.68 1.02
N VAL A 171 -8.95 6.34 1.05
CA VAL A 171 -7.75 5.53 1.23
C VAL A 171 -7.19 5.11 -0.12
N CYS A 172 -5.87 5.19 -0.26
CA CYS A 172 -5.18 4.69 -1.45
C CYS A 172 -4.04 3.76 -1.05
N VAL A 173 -3.83 2.71 -1.85
CA VAL A 173 -2.70 1.79 -1.65
C VAL A 173 -1.39 2.44 -2.13
N ALA A 174 -0.31 2.13 -1.42
CA ALA A 174 0.98 2.81 -1.61
C ALA A 174 2.16 1.92 -1.22
N ASP A 175 3.37 2.48 -1.26
CA ASP A 175 4.58 1.84 -0.73
C ASP A 175 4.76 0.42 -1.29
N PHE A 176 4.85 0.32 -2.61
CA PHE A 176 4.82 -0.96 -3.30
C PHE A 176 6.14 -1.72 -3.07
N GLY A 177 6.05 -3.04 -2.93
CA GLY A 177 7.22 -3.87 -2.68
C GLY A 177 8.05 -4.08 -3.93
N PRO A 197 7.91 -8.49 7.07
CA PRO A 197 6.48 -8.44 7.35
C PRO A 197 5.87 -9.85 7.27
N VAL A 198 6.37 -10.72 8.14
CA VAL A 198 6.04 -12.16 8.12
C VAL A 198 4.52 -12.41 8.27
N LYS A 199 3.89 -11.63 9.14
CA LYS A 199 2.48 -11.84 9.51
C LYS A 199 1.45 -11.38 8.47
N TRP A 200 1.90 -10.81 7.35
CA TRP A 200 1.03 -10.47 6.23
C TRP A 200 1.19 -11.42 5.03
N ILE A 201 2.13 -12.37 5.11
CA ILE A 201 2.52 -13.19 3.95
C ILE A 201 1.74 -14.51 3.93
N ALA A 202 1.19 -14.86 2.77
CA ALA A 202 0.38 -16.08 2.62
C ALA A 202 1.18 -17.36 2.89
N ILE A 203 0.47 -18.41 3.26
CA ILE A 203 1.07 -19.70 3.64
C ILE A 203 1.97 -20.32 2.55
N GLU A 204 1.51 -20.25 1.29
CA GLU A 204 2.28 -20.76 0.15
C GLU A 204 3.50 -19.88 -0.17
N SER A 205 3.38 -18.58 0.09
CA SER A 205 4.49 -17.63 -0.11
C SER A 205 5.59 -17.76 0.96
N LEU A 206 5.22 -18.24 2.15
CA LEU A 206 6.20 -18.63 3.16
C LEU A 206 6.88 -19.96 2.79
N ALA A 207 6.08 -20.91 2.28
CA ALA A 207 6.59 -22.24 1.91
C ALA A 207 7.47 -22.21 0.65
N ASP A 208 6.86 -21.88 -0.49
CA ASP A 208 7.53 -22.00 -1.80
C ASP A 208 8.30 -20.75 -2.24
N ARG A 209 8.15 -19.63 -1.53
CA ARG A 209 8.74 -18.35 -1.93
C ARG A 209 8.20 -17.85 -3.28
N VAL A 210 6.89 -18.02 -3.47
CA VAL A 210 6.19 -17.65 -4.71
C VAL A 210 5.04 -16.70 -4.37
N TYR A 211 4.73 -15.78 -5.29
CA TYR A 211 3.78 -14.72 -5.01
C TYR A 211 2.87 -14.41 -6.20
N THR A 212 1.55 -14.48 -5.97
CA THR A 212 0.53 -14.23 -6.99
C THR A 212 -0.44 -13.15 -6.49
N SER A 213 -1.46 -12.84 -7.29
CA SER A 213 -2.57 -11.96 -6.86
C SER A 213 -3.34 -12.53 -5.66
N LYS A 214 -3.38 -13.85 -5.53
CA LYS A 214 -4.02 -14.50 -4.38
C LYS A 214 -3.21 -14.36 -3.09
N SER A 215 -1.90 -14.17 -3.20
CA SER A 215 -1.08 -13.78 -2.05
C SER A 215 -1.44 -12.37 -1.58
N ASP A 216 -1.64 -11.45 -2.52
CA ASP A 216 -2.11 -10.10 -2.19
C ASP A 216 -3.49 -10.13 -1.52
N VAL A 217 -4.36 -11.05 -1.96
CA VAL A 217 -5.68 -11.23 -1.34
C VAL A 217 -5.53 -11.65 0.14
N TRP A 218 -4.60 -12.55 0.43
CA TRP A 218 -4.31 -12.95 1.82
C TRP A 218 -3.93 -11.73 2.66
N ALA A 219 -2.97 -10.95 2.17
CA ALA A 219 -2.55 -9.71 2.81
C ALA A 219 -3.70 -8.74 3.05
N PHE A 220 -4.60 -8.64 2.08
CA PHE A 220 -5.79 -7.81 2.20
C PHE A 220 -6.70 -8.24 3.35
N GLY A 221 -6.89 -9.55 3.52
CA GLY A 221 -7.61 -10.08 4.66
C GLY A 221 -6.98 -9.66 5.99
N VAL A 222 -5.66 -9.74 6.07
CA VAL A 222 -4.91 -9.32 7.28
C VAL A 222 -5.05 -7.81 7.49
N THR A 223 -5.01 -7.05 6.38
CA THR A 223 -5.23 -5.61 6.43
C THR A 223 -6.67 -5.28 6.90
N MET A 224 -7.66 -6.04 6.42
CA MET A 224 -9.03 -5.89 6.92
C MET A 224 -9.14 -6.13 8.44
N TRP A 225 -8.40 -7.12 8.93
CA TRP A 225 -8.35 -7.44 10.36
C TRP A 225 -7.70 -6.31 11.18
N GLU A 226 -6.61 -5.73 10.66
CA GLU A 226 -5.98 -4.54 11.29
C GLU A 226 -6.99 -3.40 11.47
N ILE A 227 -7.78 -3.17 10.43
CA ILE A 227 -8.79 -2.09 10.42
C ILE A 227 -9.91 -2.36 11.43
N ALA A 228 -10.44 -3.59 11.43
CA ALA A 228 -11.51 -3.98 12.35
C ALA A 228 -11.06 -4.00 13.83
N THR A 229 -9.79 -4.30 14.09
CA THR A 229 -9.22 -4.20 15.46
C THR A 229 -8.71 -2.81 15.84
N ARG A 230 -8.82 -1.84 14.92
CA ARG A 230 -8.31 -0.48 15.08
C ARG A 230 -6.79 -0.45 15.39
N GLY A 231 -6.04 -1.31 14.68
CA GLY A 231 -4.58 -1.22 14.64
C GLY A 231 -3.78 -2.26 15.41
N MET A 232 -4.42 -3.34 15.88
CA MET A 232 -3.70 -4.42 16.57
C MET A 232 -2.71 -5.09 15.63
N THR A 233 -1.56 -5.48 16.17
CA THR A 233 -0.62 -6.30 15.43
C THR A 233 -1.25 -7.69 15.23
N PRO A 234 -1.19 -8.25 14.00
CA PRO A 234 -1.74 -9.59 13.77
C PRO A 234 -1.20 -10.69 14.69
N TYR A 235 -2.06 -11.63 15.07
CA TYR A 235 -1.68 -12.84 15.81
C TYR A 235 -1.01 -12.53 17.16
N PRO A 236 -1.76 -11.89 18.08
CA PRO A 236 -1.21 -11.68 19.42
C PRO A 236 -0.83 -13.00 20.09
N GLY A 237 0.36 -13.04 20.71
CA GLY A 237 0.85 -14.25 21.36
C GLY A 237 1.51 -15.29 20.45
N VAL A 238 1.68 -14.97 19.17
CA VAL A 238 2.37 -15.83 18.21
C VAL A 238 3.58 -15.07 17.66
N GLN A 239 4.77 -15.65 17.82
CA GLN A 239 6.01 -15.04 17.34
C GLN A 239 6.13 -15.21 15.83
N ASN A 240 6.93 -14.34 15.19
CA ASN A 240 7.18 -14.43 13.75
C ASN A 240 7.80 -15.76 13.32
N HIS A 241 8.76 -16.26 14.09
CA HIS A 241 9.37 -17.57 13.81
C HIS A 241 8.40 -18.74 13.97
N GLU A 242 7.35 -18.56 14.76
CA GLU A 242 6.28 -19.55 14.95
C GLU A 242 5.16 -19.50 13.90
N MET A 243 5.21 -18.55 12.96
CA MET A 243 4.07 -18.27 12.08
C MET A 243 3.74 -19.37 11.05
N TYR A 244 4.76 -19.96 10.43
CA TYR A 244 4.53 -20.99 9.41
C TYR A 244 3.82 -22.22 9.96
N ASP A 245 4.35 -22.77 11.05
CA ASP A 245 3.73 -23.93 11.72
C ASP A 245 2.33 -23.63 12.27
N TYR A 246 2.11 -22.40 12.73
CA TYR A 246 0.80 -21.95 13.21
C TYR A 246 -0.27 -22.03 12.11
N LEU A 247 0.05 -21.46 10.94
CA LEU A 247 -0.84 -21.48 9.79
C LEU A 247 -0.99 -22.89 9.20
N LEU A 248 0.10 -23.67 9.23
CA LEU A 248 0.13 -25.05 8.71
C LEU A 248 -0.91 -25.97 9.39
N HIS A 249 -1.11 -25.79 10.70
CA HIS A 249 -2.11 -26.56 11.45
C HIS A 249 -3.53 -25.95 11.40
N GLY A 250 -3.76 -25.02 10.46
CA GLY A 250 -5.10 -24.50 10.17
C GLY A 250 -5.53 -23.28 10.94
N HIS A 251 -4.68 -22.76 11.82
CA HIS A 251 -5.04 -21.60 12.66
C HIS A 251 -4.97 -20.32 11.85
N ARG A 252 -5.96 -19.44 12.06
CA ARG A 252 -6.04 -18.14 11.40
C ARG A 252 -6.36 -17.05 12.42
N LEU A 253 -6.31 -15.80 11.97
CA LEU A 253 -6.65 -14.64 12.82
C LEU A 253 -8.03 -14.79 13.41
N LYS A 254 -8.16 -14.42 14.69
CA LYS A 254 -9.40 -14.60 15.43
C LYS A 254 -10.35 -13.44 15.12
N GLN A 255 -11.65 -13.70 15.26
CA GLN A 255 -12.67 -12.68 15.01
C GLN A 255 -12.55 -11.56 16.05
N PRO A 256 -12.36 -10.30 15.58
CA PRO A 256 -12.33 -9.19 16.53
C PRO A 256 -13.64 -9.04 17.31
N GLU A 257 -13.54 -8.48 18.52
CA GLU A 257 -14.70 -8.25 19.38
C GLU A 257 -15.63 -7.26 18.71
N ASP A 258 -16.93 -7.57 18.73
CA ASP A 258 -17.97 -6.77 18.06
C ASP A 258 -17.77 -6.64 16.54
N CYS A 259 -17.17 -7.65 15.92
CA CYS A 259 -17.03 -7.71 14.46
C CYS A 259 -18.22 -8.51 13.92
N LEU A 260 -18.80 -8.04 12.82
CA LEU A 260 -19.93 -8.73 12.20
C LEU A 260 -19.49 -10.09 11.68
N ASP A 261 -20.37 -11.08 11.81
CA ASP A 261 -20.09 -12.42 11.31
C ASP A 261 -19.86 -12.42 9.80
N GLU A 262 -20.65 -11.60 9.08
CA GLU A 262 -20.50 -11.44 7.63
C GLU A 262 -19.15 -10.83 7.24
N LEU A 263 -18.74 -9.79 7.97
CA LEU A 263 -17.42 -9.17 7.77
C LEU A 263 -16.29 -10.15 8.03
N TYR A 264 -16.39 -10.90 9.13
CA TYR A 264 -15.39 -11.91 9.46
C TYR A 264 -15.33 -13.02 8.41
N GLU A 265 -16.47 -13.44 7.90
CA GLU A 265 -16.51 -14.42 6.80
C GLU A 265 -15.82 -13.91 5.54
N ILE A 266 -15.96 -12.63 5.23
CA ILE A 266 -15.24 -12.02 4.10
C ILE A 266 -13.72 -12.09 4.31
N MET A 267 -13.23 -11.65 5.47
CA MET A 267 -11.79 -11.67 5.71
C MET A 267 -11.26 -13.10 5.86
N TYR A 268 -12.03 -13.98 6.49
CA TYR A 268 -11.66 -15.39 6.61
C TYR A 268 -11.51 -16.07 5.23
N SER A 269 -12.36 -15.72 4.28
CA SER A 269 -12.26 -16.24 2.90
C SER A 269 -10.93 -15.90 2.21
N CYS A 270 -10.30 -14.80 2.62
CA CYS A 270 -8.99 -14.42 2.11
C CYS A 270 -7.85 -15.34 2.55
N TRP A 271 -8.04 -16.13 3.61
CA TRP A 271 -6.99 -17.00 4.15
C TRP A 271 -7.22 -18.51 3.92
N ARG A 272 -7.97 -18.87 2.87
CA ARG A 272 -8.16 -20.29 2.52
C ARG A 272 -6.83 -20.89 2.08
N THR A 273 -6.58 -22.12 2.50
CA THR A 273 -5.27 -22.77 2.33
C THR A 273 -4.89 -22.90 0.85
N ASP A 274 -5.84 -23.34 0.03
CA ASP A 274 -5.68 -23.40 -1.42
C ASP A 274 -5.89 -21.99 -1.98
N PRO A 275 -4.85 -21.40 -2.63
CA PRO A 275 -5.02 -20.05 -3.20
C PRO A 275 -6.12 -19.92 -4.26
N LEU A 276 -6.44 -21.00 -4.95
CA LEU A 276 -7.51 -21.02 -5.96
C LEU A 276 -8.90 -20.78 -5.35
N ASP A 277 -9.10 -21.21 -4.11
CA ASP A 277 -10.37 -21.03 -3.41
C ASP A 277 -10.60 -19.61 -2.85
N ARG A 278 -9.55 -18.80 -2.78
CA ARG A 278 -9.69 -17.40 -2.33
C ARG A 278 -10.38 -16.56 -3.39
N PRO A 279 -11.31 -15.67 -2.99
CA PRO A 279 -11.96 -14.83 -3.99
C PRO A 279 -11.02 -13.78 -4.60
N THR A 280 -11.42 -13.25 -5.75
CA THR A 280 -10.70 -12.15 -6.37
C THR A 280 -11.04 -10.84 -5.65
N PHE A 281 -10.25 -9.81 -5.93
CA PHE A 281 -10.49 -8.48 -5.36
C PHE A 281 -11.82 -7.88 -5.81
N SER A 282 -12.26 -8.20 -7.02
CA SER A 282 -13.55 -7.72 -7.53
C SER A 282 -14.70 -8.36 -6.77
N VAL A 283 -14.60 -9.66 -6.52
CA VAL A 283 -15.59 -10.40 -5.73
C VAL A 283 -15.62 -9.90 -4.28
N LEU A 284 -14.44 -9.73 -3.68
CA LEU A 284 -14.34 -9.14 -2.34
C LEU A 284 -14.93 -7.73 -2.26
N ARG A 285 -14.65 -6.90 -3.26
CA ARG A 285 -15.11 -5.51 -3.26
C ARG A 285 -16.63 -5.41 -3.31
N LEU A 286 -17.27 -6.22 -4.14
CA LEU A 286 -18.75 -6.28 -4.21
C LEU A 286 -19.37 -6.70 -2.86
N GLN A 287 -18.81 -7.73 -2.25
CA GLN A 287 -19.27 -8.21 -0.95
C GLN A 287 -19.20 -7.12 0.13
N LEU A 288 -18.12 -6.34 0.12
CA LEU A 288 -17.92 -5.25 1.08
C LEU A 288 -18.87 -4.07 0.88
N GLU A 289 -19.08 -3.68 -0.39
CA GLU A 289 -20.04 -2.62 -0.72
C GLU A 289 -21.48 -2.98 -0.37
N ARG A 290 -21.84 -4.25 -0.56
CA ARG A 290 -23.16 -4.75 -0.19
C ARG A 290 -23.35 -4.73 1.33
N LEU A 291 -22.35 -5.18 2.06
CA LEU A 291 -22.38 -5.15 3.53
C LEU A 291 -22.49 -3.72 4.04
N LEU A 292 -21.72 -2.81 3.46
CA LEU A 292 -21.77 -1.38 3.82
C LEU A 292 -23.12 -0.73 3.52
N GLU A 293 -23.74 -1.13 2.41
CA GLU A 293 -25.06 -0.61 2.04
C GLU A 293 -26.16 -1.08 3.01
N SER A 294 -26.02 -2.31 3.52
CA SER A 294 -27.00 -2.88 4.45
C SER A 294 -27.01 -2.23 5.85
N LEU A 295 -25.95 -1.52 6.22
CA LEU A 295 -25.89 -0.87 7.53
C LEU A 295 -26.77 0.38 7.59
N PRO A 296 -27.39 0.65 8.76
CA PRO A 296 -28.18 1.88 8.94
C PRO A 296 -27.30 3.05 9.37
C1 VJZ B . 4.55 7.01 2.22
C2 VJZ B . 4.09 8.45 2.28
C3 VJZ B . 3.39 9.02 1.14
N6 VJZ B . 10.31 2.30 -7.49
C7 VJZ B . 4.00 11.52 4.33
C8 VJZ B . 4.32 9.23 3.35
C9 VJZ B . 5.25 6.23 0.02
C10 VJZ B . 5.70 5.22 -1.79
C11 VJZ B . 6.56 4.63 -2.83
C12 VJZ B . 7.87 4.32 -2.49
C13 VJZ B . 8.72 3.74 -3.42
C14 VJZ B . 8.28 3.46 -4.70
C15 VJZ B . 6.95 3.76 -5.04
C16 VJZ B . 6.07 4.34 -4.12
C19 VJZ B . 9.95 1.68 -5.50
C20 VJZ B . 10.90 2.25 -8.81
C21 VJZ B . 9.44 3.21 -7.00
C22 VJZ B . 8.91 4.35 -7.80
N5 VJZ B . 10.64 1.35 -6.58
C18 VJZ B . 9.18 2.83 -5.70
C17 VJZ B . 4.66 4.64 -4.57
O VJZ B . 6.31 5.85 -0.74
N3 VJZ B . 4.42 5.20 -1.67
N4 VJZ B . 4.11 5.88 -0.49
N VJZ B . 5.53 6.91 1.14
C VJZ B . 6.85 7.47 1.41
N2 VJZ B . 3.89 10.54 3.36
C6 VJZ B . 3.40 12.62 3.82
N1 VJZ B . 2.91 12.38 2.55
C5 VJZ B . 3.21 11.11 2.28
C4 VJZ B . 2.97 10.31 1.15
CL CL C . -5.38 -13.68 16.26
CL CL D . -3.10 -2.30 19.64
CL CL E . -2.65 10.15 -4.90
CL CL F . -3.96 14.70 -0.77
S DMS G . -8.83 -20.00 14.71
O DMS G . -7.85 -20.42 13.68
C1 DMS G . -8.02 -19.33 16.06
C2 DMS G . -9.72 -18.67 14.13
#